data_7D1B
#
_entry.id   7D1B
#
_cell.length_a   57.206
_cell.length_b   73.436
_cell.length_c   87.427
_cell.angle_alpha   90.000
_cell.angle_beta   90.000
_cell.angle_gamma   90.000
#
_symmetry.space_group_name_H-M   'P 21 21 21'
#
loop_
_entity.id
_entity.type
_entity.pdbx_description
1 polymer 'Leucine aminopeptidase'
2 non-polymer 'ZINC ION'
3 non-polymer 'CHLORIDE ION'
4 non-polymer 1-METHOXY-2-[2-(2-METHOXY-ETHOXY]-ETHANE
5 non-polymer GLYCEROL
6 water water
#
_entity_poly.entity_id   1
_entity_poly.type   'polypeptide(L)'
_entity_poly.pdbx_seq_one_letter_code
;ARPAAEDPPRDKFAGDRAPTRPDGDGGLKRDKFGEDRVPTKPDFKTFPLDPDRAVKYVQQLCDIGPRISGTPGMVKQQEV
LTKHFEGLGAKVVRQEFKVRQRSQRGAVDMTNLIASWFPDRKARLIVCSHYDTRPAAHQETDTQNWRKPFASANDGTAGA
ALMMELAHHMKGVPSNVGVDFVLFDGEEYILDPGVPGLQEGDKYFFGSEHFANGYTKAKAGLPYRYTGAVLLDLFAHDGA
RLAMEGYSLRGAPNLVAELWRVAGWVGAKSFVNERGFDRATDVLDDHIALNEAGIPAVDVIDFDYKHWHLLSDTPDKISG
KQMVDVGNVLLGWIQIQK
;
_entity_poly.pdbx_strand_id   A
#
# COMPACT_ATOMS: atom_id res chain seq x y z
N ALA A 1 41.52 9.38 7.93
CA ALA A 1 40.26 9.85 8.47
C ALA A 1 40.43 10.74 9.74
N ARG A 2 39.47 11.63 9.99
CA ARG A 2 39.36 12.31 11.29
C ARG A 2 37.90 12.62 11.54
N PRO A 3 37.48 12.72 12.80
CA PRO A 3 36.06 13.02 13.08
C PRO A 3 35.69 14.40 12.55
N ALA A 4 34.47 14.53 12.03
CA ALA A 4 33.99 15.82 11.49
C ALA A 4 33.86 16.85 12.62
N LYS A 41 17.29 16.47 16.85
CA LYS A 41 16.57 15.72 15.83
C LYS A 41 17.25 14.38 15.55
N PRO A 42 16.45 13.33 15.35
CA PRO A 42 17.04 12.06 14.91
C PRO A 42 17.66 12.22 13.53
N ASP A 43 18.69 11.42 13.26
CA ASP A 43 19.41 11.52 12.02
C ASP A 43 18.63 10.82 10.90
N PHE A 44 18.31 11.55 9.84
CA PHE A 44 17.80 10.95 8.62
C PHE A 44 18.00 11.94 7.48
N LYS A 45 17.87 11.44 6.26
CA LYS A 45 17.96 12.29 5.08
C LYS A 45 16.88 11.89 4.08
N THR A 46 16.59 12.79 3.16
CA THR A 46 15.84 12.43 1.96
C THR A 46 16.77 11.73 0.96
N PHE A 47 16.17 11.07 -0.02
CA PHE A 47 16.89 10.35 -1.06
C PHE A 47 16.46 10.88 -2.42
N PRO A 48 17.28 10.66 -3.47
CA PRO A 48 17.01 11.27 -4.79
C PRO A 48 15.96 10.49 -5.57
N LEU A 49 14.77 10.38 -4.98
CA LEU A 49 13.68 9.67 -5.64
C LEU A 49 13.32 10.39 -6.92
N ASP A 50 13.04 9.62 -7.97
CA ASP A 50 12.84 10.19 -9.29
C ASP A 50 11.34 10.26 -9.58
N PRO A 51 10.76 11.47 -9.61
CA PRO A 51 9.29 11.56 -9.77
C PRO A 51 8.80 11.06 -11.12
N ASP A 52 9.58 11.29 -12.18
CA ASP A 52 9.18 10.82 -13.50
C ASP A 52 9.24 9.31 -13.59
N ARG A 53 10.26 8.71 -13.00
CA ARG A 53 10.36 7.26 -12.99
C ARG A 53 9.23 6.64 -12.18
N ALA A 54 8.89 7.25 -11.04
CA ALA A 54 7.78 6.74 -10.24
C ALA A 54 6.47 6.73 -11.04
N VAL A 55 6.19 7.82 -11.76
CA VAL A 55 4.97 7.85 -12.58
C VAL A 55 5.05 6.82 -13.71
N LYS A 56 6.25 6.66 -14.30
CA LYS A 56 6.41 5.66 -15.35
C LYS A 56 6.08 4.27 -14.84
N TYR A 57 6.41 3.97 -13.58
CA TYR A 57 6.05 2.66 -13.04
C TYR A 57 4.53 2.53 -12.88
N VAL A 58 3.83 3.60 -12.50
CA VAL A 58 2.36 3.53 -12.51
C VAL A 58 1.86 3.20 -13.92
N GLN A 59 2.38 3.91 -14.92
CA GLN A 59 1.96 3.68 -16.29
C GLN A 59 2.25 2.24 -16.72
N GLN A 60 3.42 1.72 -16.34
CA GLN A 60 3.79 0.36 -16.73
C GLN A 60 2.81 -0.66 -16.16
N LEU A 61 2.49 -0.52 -14.86
CA LEU A 61 1.56 -1.45 -14.24
C LEU A 61 0.17 -1.32 -14.86
N CYS A 62 -0.28 -0.09 -15.10
CA CYS A 62 -1.59 0.07 -15.74
C CYS A 62 -1.59 -0.47 -17.17
N ASP A 63 -0.46 -0.41 -17.86
CA ASP A 63 -0.37 -0.91 -19.23
C ASP A 63 -0.47 -2.43 -19.31
N ILE A 64 -0.32 -3.14 -18.19
CA ILE A 64 -0.68 -4.55 -18.17
C ILE A 64 -2.15 -4.77 -18.52
N GLY A 65 -3.00 -3.79 -18.24
CA GLY A 65 -4.43 -4.00 -18.22
C GLY A 65 -4.85 -4.31 -16.80
N PRO A 66 -6.12 -4.58 -16.58
CA PRO A 66 -6.58 -4.92 -15.22
C PRO A 66 -5.78 -6.06 -14.63
N ARG A 67 -5.61 -5.99 -13.31
CA ARG A 67 -4.89 -6.99 -12.53
C ARG A 67 -5.83 -7.52 -11.45
N ILE A 68 -6.98 -8.02 -11.89
CA ILE A 68 -7.97 -8.59 -10.98
C ILE A 68 -7.41 -9.89 -10.39
N SER A 69 -7.72 -10.17 -9.13
CA SER A 69 -7.25 -11.40 -8.52
C SER A 69 -7.58 -12.60 -9.42
N GLY A 70 -6.63 -13.52 -9.54
CA GLY A 70 -6.86 -14.78 -10.21
C GLY A 70 -6.82 -14.72 -11.71
N THR A 71 -6.25 -13.66 -12.30
CA THR A 71 -6.27 -13.46 -13.74
C THR A 71 -4.86 -13.39 -14.30
N PRO A 72 -4.70 -13.57 -15.61
CA PRO A 72 -3.37 -13.43 -16.22
C PRO A 72 -2.72 -12.07 -15.99
N GLY A 73 -3.49 -10.98 -15.95
CA GLY A 73 -2.87 -9.68 -15.69
C GLY A 73 -2.21 -9.62 -14.33
N MET A 74 -2.85 -10.23 -13.33
CA MET A 74 -2.23 -10.32 -12.01
C MET A 74 -0.95 -11.15 -12.04
N VAL A 75 -0.96 -12.28 -12.76
CA VAL A 75 0.26 -13.10 -12.88
C VAL A 75 1.38 -12.27 -13.51
N LYS A 76 1.07 -11.53 -14.57
CA LYS A 76 2.09 -10.70 -15.22
C LYS A 76 2.64 -9.65 -14.25
N GLN A 77 1.76 -8.99 -13.51
CA GLN A 77 2.22 -8.02 -12.52
C GLN A 77 3.17 -8.65 -11.52
N GLN A 78 2.83 -9.85 -11.03
CA GLN A 78 3.69 -10.53 -10.08
C GLN A 78 5.08 -10.78 -10.66
N GLU A 79 5.14 -11.16 -11.94
CA GLU A 79 6.44 -11.39 -12.59
C GLU A 79 7.24 -10.09 -12.68
N VAL A 80 6.58 -9.02 -13.13
CA VAL A 80 7.25 -7.73 -13.27
C VAL A 80 7.81 -7.29 -11.93
N LEU A 81 6.99 -7.33 -10.89
CA LEU A 81 7.41 -6.86 -9.58
C LEU A 81 8.51 -7.73 -9.00
N THR A 82 8.38 -9.06 -9.13
CA THR A 82 9.39 -9.95 -8.57
C THR A 82 10.74 -9.69 -9.21
N LYS A 83 10.77 -9.60 -10.55
CA LYS A 83 12.03 -9.35 -11.24
C LYS A 83 12.62 -8.00 -10.86
N HIS A 84 11.77 -6.99 -10.72
CA HIS A 84 12.25 -5.66 -10.37
C HIS A 84 12.89 -5.65 -8.98
N PHE A 85 12.16 -6.18 -8.01
CA PHE A 85 12.65 -6.16 -6.63
C PHE A 85 13.91 -7.02 -6.48
N GLU A 86 13.91 -8.21 -7.07
CA GLU A 86 15.09 -9.06 -6.96
C GLU A 86 16.29 -8.42 -7.62
N GLY A 87 16.07 -7.74 -8.76
CA GLY A 87 17.17 -7.12 -9.45
C GLY A 87 17.78 -5.97 -8.68
N LEU A 88 17.07 -5.46 -7.67
CA LEU A 88 17.58 -4.36 -6.86
C LEU A 88 17.99 -4.80 -5.46
N GLY A 89 17.98 -6.12 -5.19
CA GLY A 89 18.56 -6.67 -3.98
C GLY A 89 17.57 -7.23 -2.98
N ALA A 90 16.26 -7.15 -3.22
CA ALA A 90 15.32 -7.66 -2.23
C ALA A 90 15.18 -9.17 -2.35
N LYS A 91 14.87 -9.82 -1.24
CA LYS A 91 14.41 -11.21 -1.29
C LYS A 91 12.89 -11.21 -1.45
N VAL A 92 12.38 -11.93 -2.45
CA VAL A 92 10.94 -11.91 -2.74
C VAL A 92 10.35 -13.26 -2.36
N VAL A 93 9.29 -13.25 -1.56
CA VAL A 93 8.57 -14.45 -1.16
C VAL A 93 7.11 -14.28 -1.55
N ARG A 94 6.51 -15.39 -1.97
CA ARG A 94 5.10 -15.45 -2.30
C ARG A 94 4.33 -16.09 -1.14
N GLN A 95 3.16 -15.55 -0.82
CA GLN A 95 2.23 -16.20 0.09
C GLN A 95 1.02 -16.59 -0.75
N GLU A 96 0.96 -17.86 -1.14
CA GLU A 96 -0.09 -18.35 -2.02
C GLU A 96 -1.20 -18.97 -1.18
N PHE A 97 -2.45 -18.67 -1.55
CA PHE A 97 -3.59 -19.22 -0.83
C PHE A 97 -4.80 -19.19 -1.75
N LYS A 98 -5.88 -19.83 -1.33
CA LYS A 98 -7.12 -19.86 -2.10
C LYS A 98 -8.26 -19.39 -1.21
N VAL A 99 -9.22 -18.68 -1.82
CA VAL A 99 -10.42 -18.28 -1.10
C VAL A 99 -11.62 -18.48 -2.01
N ARG A 100 -12.81 -18.41 -1.41
CA ARG A 100 -14.06 -18.36 -2.16
C ARG A 100 -14.69 -17.00 -1.91
N GLN A 101 -14.80 -16.19 -2.94
CA GLN A 101 -15.51 -14.92 -2.77
C GLN A 101 -17.01 -15.20 -2.59
N ARG A 102 -17.69 -14.35 -1.83
CA ARG A 102 -19.04 -14.65 -1.35
C ARG A 102 -19.99 -14.98 -2.48
N SER A 103 -19.93 -14.23 -3.59
CA SER A 103 -20.88 -14.35 -4.69
C SER A 103 -20.54 -15.50 -5.62
N GLN A 104 -19.43 -16.22 -5.39
CA GLN A 104 -18.94 -17.24 -6.31
C GLN A 104 -18.89 -18.60 -5.65
N ARG A 105 -18.91 -19.67 -6.46
CA ARG A 105 -18.58 -20.99 -5.96
C ARG A 105 -17.13 -21.36 -6.20
N GLY A 106 -16.56 -20.90 -7.31
CA GLY A 106 -15.20 -21.29 -7.63
C GLY A 106 -14.20 -20.70 -6.66
N ALA A 107 -13.09 -21.39 -6.50
CA ALA A 107 -11.97 -20.89 -5.73
C ALA A 107 -11.20 -19.89 -6.58
N VAL A 108 -10.61 -18.91 -5.91
CA VAL A 108 -9.71 -17.97 -6.56
C VAL A 108 -8.35 -18.09 -5.91
N ASP A 109 -7.32 -18.22 -6.75
CA ASP A 109 -5.94 -18.20 -6.29
C ASP A 109 -5.53 -16.77 -5.96
N MET A 110 -4.96 -16.58 -4.77
CA MET A 110 -4.45 -15.30 -4.31
C MET A 110 -2.98 -15.47 -3.98
N THR A 111 -2.22 -14.39 -4.16
CA THR A 111 -0.80 -14.38 -3.81
C THR A 111 -0.43 -13.03 -3.22
N ASN A 112 -0.03 -12.99 -1.95
CA ASN A 112 0.64 -11.79 -1.46
C ASN A 112 2.11 -11.87 -1.84
N LEU A 113 2.71 -10.73 -2.13
CA LEU A 113 4.12 -10.67 -2.45
C LEU A 113 4.85 -9.90 -1.35
N ILE A 114 5.99 -10.41 -0.90
CA ILE A 114 6.79 -9.73 0.11
C ILE A 114 8.17 -9.54 -0.47
N ALA A 115 8.65 -8.30 -0.50
CA ALA A 115 10.01 -7.97 -0.90
C ALA A 115 10.73 -7.46 0.35
N SER A 116 11.70 -8.23 0.82
CA SER A 116 12.32 -8.01 2.13
C SER A 116 13.70 -7.40 1.97
N TRP A 117 13.97 -6.43 2.83
CA TRP A 117 15.24 -5.73 2.93
C TRP A 117 15.76 -5.85 4.36
N PHE A 118 17.07 -6.06 4.48
CA PHE A 118 17.79 -6.04 5.76
C PHE A 118 17.35 -7.21 6.64
N PRO A 119 17.75 -8.43 6.30
CA PRO A 119 17.19 -9.60 7.01
C PRO A 119 17.68 -9.73 8.45
N ASP A 120 18.83 -9.18 8.80
CA ASP A 120 19.44 -9.46 10.10
C ASP A 120 19.00 -8.40 11.10
N ARG A 121 17.72 -8.45 11.48
CA ARG A 121 17.09 -7.42 12.31
C ARG A 121 16.01 -8.06 13.19
N LYS A 122 15.99 -7.67 14.47
CA LYS A 122 14.98 -8.19 15.39
C LYS A 122 13.66 -7.42 15.34
N ALA A 123 13.64 -6.20 14.84
CA ALA A 123 12.42 -5.44 14.63
C ALA A 123 12.30 -5.17 13.15
N ARG A 124 11.09 -5.30 12.60
CA ARG A 124 10.84 -5.05 11.19
C ARG A 124 9.65 -4.13 11.04
N LEU A 125 9.73 -3.25 10.04
CA LEU A 125 8.64 -2.40 9.60
C LEU A 125 8.07 -2.95 8.31
N ILE A 126 6.81 -2.63 8.06
CA ILE A 126 6.13 -2.94 6.81
C ILE A 126 5.77 -1.65 6.08
N VAL A 127 6.02 -1.63 4.78
CA VAL A 127 5.40 -0.67 3.85
C VAL A 127 4.51 -1.53 2.98
N CYS A 128 3.22 -1.21 2.92
CA CYS A 128 2.29 -2.13 2.25
C CYS A 128 1.31 -1.38 1.36
N SER A 129 0.66 -2.16 0.50
CA SER A 129 -0.32 -1.66 -0.46
C SER A 129 -1.06 -2.89 -0.96
N HIS A 130 -2.32 -2.72 -1.38
CA HIS A 130 -2.91 -3.79 -2.19
C HIS A 130 -2.39 -3.68 -3.62
N TYR A 131 -2.55 -4.75 -4.38
CA TYR A 131 -2.15 -4.70 -5.78
C TYR A 131 -3.12 -5.42 -6.71
N ASP A 132 -4.18 -6.04 -6.20
CA ASP A 132 -5.28 -6.43 -7.08
C ASP A 132 -6.04 -5.19 -7.50
N THR A 133 -6.69 -5.25 -8.65
CA THR A 133 -7.54 -4.14 -9.08
C THR A 133 -8.99 -4.56 -9.02
N ARG A 134 -9.85 -3.63 -8.63
CA ARG A 134 -11.26 -3.92 -8.49
C ARG A 134 -11.84 -4.32 -9.85
N PRO A 135 -12.75 -5.30 -9.90
CA PRO A 135 -13.24 -5.76 -11.20
C PRO A 135 -13.94 -4.69 -12.01
N ALA A 136 -14.57 -3.72 -11.36
CA ALA A 136 -15.32 -2.69 -12.06
C ALA A 136 -15.20 -1.38 -11.32
N ALA A 137 -15.36 -0.29 -12.08
CA ALA A 137 -15.37 1.07 -11.52
C ALA A 137 -16.77 1.32 -10.98
N HIS A 138 -17.03 0.79 -9.79
CA HIS A 138 -18.41 0.74 -9.29
C HIS A 138 -18.97 2.09 -8.88
N GLN A 139 -18.17 3.16 -8.82
CA GLN A 139 -18.75 4.47 -8.58
C GLN A 139 -19.32 5.11 -9.85
N GLU A 140 -19.08 4.51 -11.01
CA GLU A 140 -19.73 4.99 -12.23
C GLU A 140 -21.23 4.78 -12.11
N THR A 141 -22.01 5.84 -12.40
CA THR A 141 -23.45 5.75 -12.23
C THR A 141 -24.14 5.12 -13.44
N ASP A 142 -23.48 5.06 -14.59
CA ASP A 142 -23.96 4.28 -15.73
C ASP A 142 -23.34 2.89 -15.63
N THR A 143 -24.16 1.88 -15.33
CA THR A 143 -23.61 0.55 -15.09
C THR A 143 -23.04 -0.09 -16.36
N GLN A 144 -23.36 0.42 -17.54
CA GLN A 144 -22.65 -0.02 -18.73
C GLN A 144 -21.15 0.19 -18.58
N ASN A 145 -20.76 1.28 -17.90
CA ASN A 145 -19.35 1.53 -17.64
C ASN A 145 -18.72 0.53 -16.70
N TRP A 146 -19.52 -0.27 -15.99
CA TRP A 146 -18.95 -1.35 -15.19
C TRP A 146 -18.37 -2.46 -16.06
N ARG A 147 -18.60 -2.42 -17.37
CA ARG A 147 -18.06 -3.46 -18.23
C ARG A 147 -16.73 -3.06 -18.85
N LYS A 148 -16.24 -1.87 -18.56
CA LYS A 148 -15.00 -1.40 -19.13
C LYS A 148 -13.83 -1.65 -18.19
N PRO A 149 -12.61 -1.75 -18.71
CA PRO A 149 -11.46 -2.04 -17.84
C PRO A 149 -11.16 -0.87 -16.91
N PHE A 150 -10.94 -1.19 -15.64
CA PHE A 150 -10.70 -0.21 -14.59
C PHE A 150 -9.21 -0.23 -14.24
N ALA A 151 -8.51 0.88 -14.53
CA ALA A 151 -7.05 0.92 -14.39
C ALA A 151 -6.60 1.10 -12.95
N SER A 152 -7.42 1.72 -12.10
CA SER A 152 -7.11 1.78 -10.67
C SER A 152 -5.74 2.42 -10.39
N ALA A 153 -5.40 3.50 -11.11
CA ALA A 153 -4.02 4.01 -11.03
C ALA A 153 -3.62 4.45 -9.63
N ASN A 154 -4.51 5.15 -8.92
CA ASN A 154 -4.21 5.67 -7.59
C ASN A 154 -4.63 4.72 -6.48
N ASP A 155 -5.00 3.49 -6.81
CA ASP A 155 -5.70 2.61 -5.89
C ASP A 155 -5.00 1.27 -5.96
N GLY A 156 -4.05 1.06 -5.04
CA GLY A 156 -3.14 -0.07 -5.09
C GLY A 156 -1.97 0.15 -6.03
N THR A 157 -2.26 0.47 -7.30
CA THR A 157 -1.22 0.54 -8.31
C THR A 157 -0.13 1.52 -7.89
N ALA A 158 -0.52 2.72 -7.44
CA ALA A 158 0.47 3.72 -7.11
C ALA A 158 1.34 3.31 -5.94
N GLY A 159 0.80 2.53 -4.99
CA GLY A 159 1.63 2.03 -3.91
C GLY A 159 2.67 1.04 -4.42
N ALA A 160 2.25 0.11 -5.28
CA ALA A 160 3.21 -0.80 -5.90
C ALA A 160 4.28 -0.03 -6.66
N ALA A 161 3.86 1.00 -7.42
CA ALA A 161 4.81 1.80 -8.19
C ALA A 161 5.77 2.56 -7.29
N LEU A 162 5.28 3.10 -6.17
CA LEU A 162 6.18 3.77 -5.25
C LEU A 162 7.18 2.78 -4.67
N MET A 163 6.74 1.55 -4.36
CA MET A 163 7.69 0.52 -3.94
C MET A 163 8.73 0.26 -5.02
N MET A 164 8.31 0.22 -6.29
CA MET A 164 9.28 0.04 -7.37
C MET A 164 10.30 1.16 -7.39
N GLU A 165 9.86 2.40 -7.19
CA GLU A 165 10.80 3.52 -7.12
C GLU A 165 11.73 3.38 -5.92
N LEU A 166 11.15 3.13 -4.74
CA LEU A 166 11.94 3.03 -3.51
C LEU A 166 12.99 1.94 -3.63
N ALA A 167 12.68 0.86 -4.34
CA ALA A 167 13.63 -0.24 -4.47
C ALA A 167 14.96 0.19 -5.06
N HIS A 168 15.00 1.24 -5.90
CA HIS A 168 16.28 1.72 -6.42
C HIS A 168 17.20 2.21 -5.33
N HIS A 169 16.63 2.62 -4.18
CA HIS A 169 17.37 3.31 -3.14
C HIS A 169 17.62 2.44 -1.92
N MET A 170 16.85 1.37 -1.72
CA MET A 170 16.81 0.70 -0.42
C MET A 170 18.17 0.19 0.04
N LYS A 171 18.99 -0.37 -0.87
CA LYS A 171 20.27 -0.90 -0.40
C LYS A 171 21.23 0.20 0.02
N GLY A 172 20.93 1.46 -0.28
CA GLY A 172 21.70 2.58 0.21
C GLY A 172 21.12 3.25 1.44
N VAL A 173 20.09 2.70 2.07
CA VAL A 173 19.43 3.32 3.20
C VAL A 173 19.97 2.72 4.50
N PRO A 174 20.43 3.53 5.45
CA PRO A 174 20.81 2.98 6.76
C PRO A 174 19.56 2.76 7.61
N SER A 175 19.44 1.57 8.19
CA SER A 175 18.22 1.25 8.91
C SER A 175 18.50 0.31 10.07
N ASN A 176 18.03 0.69 11.26
CA ASN A 176 18.13 -0.19 12.43
C ASN A 176 17.02 -1.23 12.49
N VAL A 177 16.14 -1.25 11.50
CA VAL A 177 15.01 -2.17 11.43
C VAL A 177 15.00 -2.87 10.07
N GLY A 178 14.42 -4.05 10.02
CA GLY A 178 14.11 -4.64 8.74
C GLY A 178 13.00 -3.86 8.06
N VAL A 179 12.92 -3.97 6.73
CA VAL A 179 11.81 -3.34 6.00
C VAL A 179 11.26 -4.36 5.02
N ASP A 180 9.97 -4.68 5.16
CA ASP A 180 9.27 -5.56 4.22
C ASP A 180 8.27 -4.75 3.43
N PHE A 181 8.40 -4.78 2.10
CA PHE A 181 7.38 -4.27 1.21
C PHE A 181 6.38 -5.40 1.02
N VAL A 182 5.13 -5.18 1.40
CA VAL A 182 4.12 -6.23 1.35
C VAL A 182 3.02 -5.77 0.41
N LEU A 183 2.74 -6.59 -0.62
CA LEU A 183 1.67 -6.34 -1.57
C LEU A 183 0.55 -7.35 -1.32
N PHE A 184 -0.60 -6.82 -0.90
CA PHE A 184 -1.76 -7.66 -0.58
C PHE A 184 -2.61 -7.92 -1.82
N ASP A 185 -2.86 -9.20 -2.09
CA ASP A 185 -3.87 -9.56 -3.07
C ASP A 185 -5.26 -9.44 -2.46
N GLY A 186 -6.27 -9.43 -3.32
CA GLY A 186 -7.63 -9.66 -2.87
C GLY A 186 -8.16 -8.63 -1.90
N GLU A 187 -7.68 -7.38 -1.99
CA GLU A 187 -8.30 -6.36 -1.15
C GLU A 187 -9.73 -6.09 -1.58
N GLU A 188 -9.98 -6.05 -2.89
CA GLU A 188 -11.30 -5.67 -3.38
C GLU A 188 -11.62 -6.41 -4.67
N TYR A 189 -11.64 -7.74 -4.56
CA TYR A 189 -12.09 -8.63 -5.61
C TYR A 189 -13.62 -8.67 -5.61
N ILE A 190 -14.20 -7.51 -5.91
CA ILE A 190 -15.63 -7.29 -5.71
C ILE A 190 -16.35 -7.55 -7.03
N LEU A 191 -16.97 -8.72 -7.15
CA LEU A 191 -17.77 -9.05 -8.31
C LEU A 191 -19.21 -8.62 -8.12
N ASP A 192 -19.71 -8.72 -6.90
CA ASP A 192 -21.05 -8.28 -6.53
C ASP A 192 -20.88 -7.17 -5.51
N PRO A 193 -21.18 -5.92 -5.85
CA PRO A 193 -20.99 -4.81 -4.92
C PRO A 193 -22.12 -4.66 -3.91
N GLY A 194 -23.13 -5.55 -3.97
CA GLY A 194 -24.24 -5.47 -3.06
C GLY A 194 -25.21 -4.38 -3.47
N VAL A 195 -26.10 -4.06 -2.54
CA VAL A 195 -27.07 -2.99 -2.70
C VAL A 195 -27.04 -2.16 -1.43
N PRO A 196 -26.71 -0.86 -1.50
CA PRO A 196 -26.49 -0.08 -0.28
C PRO A 196 -27.71 -0.08 0.62
N GLY A 197 -27.52 -0.61 1.83
CA GLY A 197 -28.61 -0.74 2.78
C GLY A 197 -29.24 -2.11 2.74
N LEU A 198 -29.39 -2.68 1.54
CA LEU A 198 -30.09 -3.95 1.37
C LEU A 198 -29.18 -5.17 1.33
N GLN A 199 -28.02 -5.10 0.67
CA GLN A 199 -27.12 -6.25 0.57
C GLN A 199 -25.67 -5.81 0.73
N GLU A 200 -24.92 -6.55 1.57
CA GLU A 200 -23.51 -6.24 1.83
C GLU A 200 -22.59 -6.46 0.62
N GLY A 201 -22.86 -7.44 -0.21
CA GLY A 201 -22.01 -7.71 -1.34
C GLY A 201 -20.79 -8.53 -0.95
N ASP A 202 -19.80 -8.52 -1.84
CA ASP A 202 -18.58 -9.28 -1.68
C ASP A 202 -17.65 -8.78 -0.57
N LYS A 203 -16.74 -9.68 -0.17
CA LYS A 203 -15.83 -9.48 0.95
C LYS A 203 -14.53 -8.81 0.53
N TYR A 204 -14.02 -7.96 1.41
CA TYR A 204 -12.76 -7.24 1.25
C TYR A 204 -11.66 -7.89 2.09
N PHE A 205 -10.41 -7.57 1.73
CA PHE A 205 -9.25 -7.74 2.62
C PHE A 205 -8.75 -9.18 2.75
N PHE A 206 -8.89 -10.01 1.71
CA PHE A 206 -8.39 -11.38 1.84
C PHE A 206 -6.90 -11.42 2.09
N GLY A 207 -6.12 -10.61 1.37
CA GLY A 207 -4.67 -10.67 1.48
C GLY A 207 -4.14 -10.17 2.81
N SER A 208 -4.64 -9.01 3.28
CA SER A 208 -4.15 -8.53 4.56
C SER A 208 -4.58 -9.45 5.70
N GLU A 209 -5.80 -10.00 5.64
CA GLU A 209 -6.22 -10.94 6.68
C GLU A 209 -5.35 -12.18 6.65
N HIS A 210 -5.01 -12.69 5.46
CA HIS A 210 -4.15 -13.87 5.36
C HIS A 210 -2.79 -13.58 5.95
N PHE A 211 -2.20 -12.44 5.59
CA PHE A 211 -0.88 -12.08 6.08
C PHE A 211 -0.90 -11.94 7.60
N ALA A 212 -1.89 -11.22 8.13
CA ALA A 212 -1.95 -10.98 9.56
C ALA A 212 -2.15 -12.28 10.32
N ASN A 213 -3.03 -13.15 9.83
CA ASN A 213 -3.24 -14.43 10.49
C ASN A 213 -1.98 -15.27 10.47
N GLY A 214 -1.24 -15.25 9.35
CA GLY A 214 0.00 -16.01 9.29
C GLY A 214 1.02 -15.51 10.29
N TYR A 215 1.08 -14.19 10.46
CA TYR A 215 1.98 -13.63 11.45
C TYR A 215 1.57 -14.05 12.85
N THR A 216 0.28 -13.94 13.17
CA THR A 216 -0.20 -14.36 14.47
C THR A 216 0.16 -15.82 14.77
N LYS A 217 -0.01 -16.70 13.77
CA LYS A 217 0.29 -18.11 13.97
C LYS A 217 1.79 -18.35 14.15
N ALA A 218 2.63 -17.62 13.42
CA ALA A 218 4.06 -17.88 13.40
C ALA A 218 4.84 -17.14 14.48
N LYS A 219 4.25 -16.10 15.08
CA LYS A 219 5.00 -15.09 15.83
C LYS A 219 5.90 -15.68 16.91
N ALA A 220 5.38 -16.63 17.70
CA ALA A 220 6.16 -17.15 18.83
C ALA A 220 7.46 -17.80 18.37
N GLY A 221 7.50 -18.30 17.13
CA GLY A 221 8.67 -18.92 16.58
C GLY A 221 9.52 -18.05 15.68
N LEU A 222 9.16 -16.78 15.50
CA LEU A 222 9.93 -15.90 14.62
C LEU A 222 11.05 -15.22 15.40
N PRO A 223 12.18 -14.97 14.73
CA PRO A 223 13.29 -14.24 15.37
C PRO A 223 13.16 -12.73 15.29
N TYR A 224 12.02 -12.22 14.83
CA TYR A 224 11.78 -10.79 14.75
C TYR A 224 10.33 -10.54 15.15
N ARG A 225 10.02 -9.27 15.36
CA ARG A 225 8.62 -8.84 15.49
C ARG A 225 8.40 -7.64 14.59
N TYR A 226 7.18 -7.50 14.08
CA TYR A 226 6.77 -6.31 13.33
C TYR A 226 6.38 -5.22 14.31
N THR A 227 7.06 -4.08 14.23
CA THR A 227 6.81 -3.00 15.17
C THR A 227 5.97 -1.88 14.58
N GLY A 228 5.69 -1.90 13.29
CA GLY A 228 4.85 -0.88 12.69
C GLY A 228 4.66 -1.17 11.22
N ALA A 229 3.57 -0.61 10.68
CA ALA A 229 3.23 -0.78 9.28
C ALA A 229 2.59 0.49 8.75
N VAL A 230 2.95 0.86 7.53
CA VAL A 230 2.30 1.95 6.81
C VAL A 230 1.67 1.38 5.55
N LEU A 231 0.36 1.56 5.42
CA LEU A 231 -0.39 1.20 4.23
C LEU A 231 -0.53 2.44 3.37
N LEU A 232 -0.25 2.29 2.09
CA LEU A 232 -0.41 3.37 1.11
C LEU A 232 -1.67 3.10 0.31
N ASP A 233 -2.61 4.06 0.30
CA ASP A 233 -3.83 3.85 -0.47
C ASP A 233 -4.40 5.22 -0.87
N LEU A 234 -4.69 5.44 -2.15
CA LEU A 234 -5.32 6.68 -2.60
C LEU A 234 -4.52 7.90 -2.11
N PHE A 235 -3.22 7.91 -2.42
CA PHE A 235 -2.30 8.84 -1.79
C PHE A 235 -1.49 9.66 -2.78
N ALA A 236 -1.55 9.37 -4.07
CA ALA A 236 -0.55 9.85 -5.01
C ALA A 236 -1.04 10.93 -5.94
N HIS A 237 -2.28 11.39 -5.78
CA HIS A 237 -2.84 12.42 -6.64
C HIS A 237 -2.30 13.81 -6.26
N ASP A 238 -2.41 14.71 -7.23
CA ASP A 238 -1.94 16.08 -7.09
C ASP A 238 -2.75 16.81 -6.01
N GLY A 239 -2.07 17.36 -5.02
CA GLY A 239 -2.79 18.10 -3.99
C GLY A 239 -3.50 17.20 -2.99
N ALA A 240 -3.09 15.94 -2.88
CA ALA A 240 -3.73 15.02 -1.93
C ALA A 240 -3.75 15.61 -0.53
N ARG A 241 -4.82 15.30 0.20
CA ARG A 241 -4.98 15.67 1.60
C ARG A 241 -4.91 14.39 2.44
N LEU A 242 -3.72 14.10 2.97
CA LEU A 242 -3.47 12.87 3.73
C LEU A 242 -3.75 13.20 5.19
N ALA A 243 -5.00 12.97 5.60
CA ALA A 243 -5.49 13.29 6.92
C ALA A 243 -5.50 12.04 7.80
N MET A 244 -5.92 12.21 9.04
CA MET A 244 -5.82 11.17 10.06
C MET A 244 -7.15 10.46 10.21
N GLU A 245 -7.18 9.17 9.90
CA GLU A 245 -8.45 8.45 10.11
C GLU A 245 -8.40 7.61 11.35
N GLY A 246 -9.58 7.25 11.81
CA GLY A 246 -9.74 6.81 13.19
C GLY A 246 -9.07 5.51 13.51
N TYR A 247 -9.13 4.52 12.61
CA TYR A 247 -8.49 3.25 12.97
C TYR A 247 -7.00 3.42 13.13
N SER A 248 -6.39 4.26 12.29
CA SER A 248 -4.97 4.56 12.37
C SER A 248 -4.64 5.29 13.66
N LEU A 249 -5.44 6.30 14.00
CA LEU A 249 -5.22 7.05 15.23
C LEU A 249 -5.34 6.14 16.45
N ARG A 250 -6.35 5.28 16.48
CA ARG A 250 -6.55 4.45 17.66
C ARG A 250 -5.51 3.34 17.75
N GLY A 251 -5.12 2.79 16.61
CA GLY A 251 -4.23 1.64 16.63
C GLY A 251 -2.77 1.99 16.72
N ALA A 252 -2.38 3.20 16.30
CA ALA A 252 -0.96 3.49 16.12
C ALA A 252 -0.64 4.94 16.42
N PRO A 253 -0.96 5.46 17.62
CA PRO A 253 -0.73 6.88 17.88
C PRO A 253 0.71 7.33 17.71
N ASN A 254 1.69 6.54 18.18
CA ASN A 254 3.07 6.99 18.04
C ASN A 254 3.56 6.90 16.60
N LEU A 255 3.05 5.92 15.83
CA LEU A 255 3.40 5.83 14.43
C LEU A 255 2.87 7.06 13.68
N VAL A 256 1.61 7.42 13.92
CA VAL A 256 1.08 8.65 13.32
C VAL A 256 1.97 9.83 13.66
N ALA A 257 2.31 9.98 14.95
CA ALA A 257 3.13 11.12 15.36
C ALA A 257 4.47 11.13 14.62
N GLU A 258 5.15 9.98 14.54
CA GLU A 258 6.45 9.93 13.86
C GLU A 258 6.30 10.28 12.39
N LEU A 259 5.29 9.70 11.72
CA LEU A 259 5.17 9.92 10.28
C LEU A 259 4.86 11.38 9.98
N TRP A 260 3.92 11.96 10.71
CA TRP A 260 3.58 13.36 10.46
C TRP A 260 4.70 14.29 10.90
N ARG A 261 5.49 13.92 11.93
CA ARG A 261 6.67 14.69 12.29
C ARG A 261 7.68 14.68 11.15
N VAL A 262 7.97 13.50 10.61
CA VAL A 262 8.87 13.42 9.46
C VAL A 262 8.34 14.25 8.30
N ALA A 263 7.03 14.15 8.01
CA ALA A 263 6.45 14.93 6.92
C ALA A 263 6.70 16.42 7.12
N GLY A 264 6.60 16.90 8.36
CA GLY A 264 6.88 18.31 8.62
C GLY A 264 8.31 18.67 8.29
N TRP A 265 9.24 17.78 8.66
CA TRP A 265 10.66 18.02 8.40
C TRP A 265 11.02 17.92 6.92
N VAL A 266 10.37 17.03 6.17
CA VAL A 266 10.76 16.94 4.76
CA VAL A 266 10.62 16.80 4.74
C VAL A 266 9.94 17.86 3.88
N GLY A 267 8.94 18.54 4.41
CA GLY A 267 8.14 19.45 3.60
C GLY A 267 7.08 18.76 2.77
N ALA A 268 6.58 17.60 3.20
CA ALA A 268 5.52 16.88 2.49
C ALA A 268 4.20 17.48 2.95
N LYS A 269 3.72 18.46 2.19
CA LYS A 269 2.58 19.27 2.63
C LYS A 269 1.26 18.51 2.58
N SER A 270 1.22 17.38 1.91
CA SER A 270 -0.03 16.61 1.89
C SER A 270 -0.39 16.02 3.26
N PHE A 271 0.58 15.83 4.16
CA PHE A 271 0.28 15.24 5.46
C PHE A 271 -0.27 16.33 6.37
N VAL A 272 -1.57 16.29 6.67
CA VAL A 272 -2.23 17.35 7.41
C VAL A 272 -2.66 16.86 8.79
N ASN A 273 -2.55 17.73 9.78
CA ASN A 273 -3.00 17.42 11.14
C ASN A 273 -4.48 17.76 11.26
N GLU A 274 -5.30 16.91 10.63
CA GLU A 274 -6.74 17.06 10.61
C GLU A 274 -7.36 15.67 10.67
N ARG A 275 -8.58 15.61 11.18
CA ARG A 275 -9.28 14.34 11.37
C ARG A 275 -10.23 14.05 10.23
N GLY A 276 -10.07 12.90 9.60
CA GLY A 276 -11.11 12.37 8.74
C GLY A 276 -11.19 13.00 7.35
N PHE A 277 -12.22 12.57 6.62
CA PHE A 277 -12.48 12.90 5.22
C PHE A 277 -13.96 13.19 5.06
N ASP A 278 -14.32 13.88 3.97
CA ASP A 278 -15.74 14.06 3.69
C ASP A 278 -16.43 12.71 3.50
N ARG A 279 -15.75 11.77 2.84
CA ARG A 279 -16.38 10.50 2.51
C ARG A 279 -16.58 9.62 3.75
N ALA A 280 -15.71 9.77 4.75
CA ALA A 280 -15.77 8.94 5.95
C ALA A 280 -14.74 9.45 6.94
N THR A 281 -15.06 9.29 8.22
CA THR A 281 -14.17 9.63 9.31
C THR A 281 -13.21 8.47 9.59
N ASP A 282 -13.71 7.24 9.51
CA ASP A 282 -12.97 6.01 9.73
C ASP A 282 -13.07 5.17 8.48
N VAL A 283 -11.96 4.57 8.08
CA VAL A 283 -11.85 3.91 6.78
C VAL A 283 -11.40 2.47 7.02
N LEU A 284 -12.25 1.51 6.69
CA LEU A 284 -11.81 0.12 6.67
C LEU A 284 -10.84 -0.07 5.51
N ASP A 285 -9.72 -0.74 5.79
CA ASP A 285 -8.70 -0.91 4.75
C ASP A 285 -7.80 -2.06 5.19
N ASP A 286 -6.74 -2.30 4.41
CA ASP A 286 -5.83 -3.40 4.69
C ASP A 286 -5.09 -3.26 6.02
N HIS A 287 -5.08 -2.08 6.64
CA HIS A 287 -4.38 -1.91 7.91
C HIS A 287 -5.18 -2.45 9.10
N ILE A 288 -6.47 -2.73 8.92
CA ILE A 288 -7.28 -3.23 10.03
C ILE A 288 -6.76 -4.58 10.52
N ALA A 289 -6.50 -5.50 9.57
CA ALA A 289 -6.04 -6.83 9.99
C ALA A 289 -4.71 -6.74 10.68
N LEU A 290 -3.84 -5.81 10.24
CA LEU A 290 -2.52 -5.65 10.87
C LEU A 290 -2.67 -5.15 12.31
N ASN A 291 -3.49 -4.11 12.51
CA ASN A 291 -3.72 -3.64 13.88
C ASN A 291 -4.30 -4.75 14.75
N GLU A 292 -5.23 -5.55 14.20
CA GLU A 292 -5.84 -6.60 14.99
C GLU A 292 -4.83 -7.67 15.37
N ALA A 293 -3.77 -7.83 14.60
CA ALA A 293 -2.67 -8.74 14.92
C ALA A 293 -1.63 -8.11 15.82
N GLY A 294 -1.89 -6.91 16.33
CA GLY A 294 -0.95 -6.26 17.23
C GLY A 294 0.18 -5.53 16.55
N ILE A 295 0.07 -5.27 15.25
CA ILE A 295 1.06 -4.46 14.53
C ILE A 295 0.47 -3.06 14.38
N PRO A 296 1.01 -2.04 15.05
CA PRO A 296 0.49 -0.68 14.84
C PRO A 296 0.57 -0.35 13.35
N ALA A 297 -0.57 0.06 12.77
CA ALA A 297 -0.64 0.21 11.33
C ALA A 297 -1.47 1.44 10.97
N VAL A 298 -0.88 2.28 10.12
CA VAL A 298 -1.47 3.56 9.70
C VAL A 298 -1.79 3.50 8.23
N ASP A 299 -2.97 4.01 7.88
CA ASP A 299 -3.38 4.16 6.48
C ASP A 299 -3.06 5.58 6.03
N VAL A 300 -2.16 5.70 5.07
CA VAL A 300 -1.78 6.96 4.45
C VAL A 300 -2.67 7.06 3.20
N ILE A 301 -3.70 7.91 3.30
CA ILE A 301 -4.83 7.86 2.39
C ILE A 301 -5.46 9.25 2.33
N ASP A 302 -5.98 9.60 1.15
CA ASP A 302 -6.94 10.71 1.01
C ASP A 302 -8.21 10.08 0.47
N PHE A 303 -9.16 9.79 1.36
CA PHE A 303 -10.35 9.07 0.92
C PHE A 303 -11.29 9.94 0.12
N ASP A 304 -11.01 11.24 -0.01
CA ASP A 304 -11.78 12.11 -0.88
C ASP A 304 -11.25 12.17 -2.30
N TYR A 305 -10.29 11.33 -2.66
CA TYR A 305 -9.81 11.26 -4.03
C TYR A 305 -10.98 11.28 -5.01
N LYS A 306 -10.96 12.23 -5.94
CA LYS A 306 -12.14 12.49 -6.73
C LYS A 306 -12.40 11.43 -7.80
N HIS A 307 -11.40 10.63 -8.17
CA HIS A 307 -11.58 9.62 -9.20
C HIS A 307 -11.72 8.21 -8.62
N TRP A 308 -12.02 8.12 -7.33
CA TRP A 308 -12.15 6.83 -6.65
C TRP A 308 -13.20 5.96 -7.32
N HIS A 309 -12.76 4.78 -7.77
CA HIS A 309 -13.65 3.80 -8.39
C HIS A 309 -14.38 4.36 -9.62
N LEU A 310 -13.73 5.29 -10.31
CA LEU A 310 -14.18 5.79 -11.61
C LEU A 310 -13.18 5.39 -12.69
N LEU A 311 -13.66 5.30 -13.93
CA LEU A 311 -12.78 4.96 -15.04
C LEU A 311 -11.69 5.99 -15.25
N SER A 312 -11.88 7.21 -14.72
CA SER A 312 -10.89 8.26 -14.79
C SER A 312 -9.75 8.11 -13.77
N ASP A 313 -9.71 7.03 -13.00
CA ASP A 313 -8.57 6.77 -12.10
C ASP A 313 -7.43 6.18 -12.92
N THR A 314 -6.71 7.05 -13.63
CA THR A 314 -5.74 6.67 -14.65
C THR A 314 -4.40 7.33 -14.33
N PRO A 315 -3.32 6.91 -15.01
CA PRO A 315 -1.98 7.41 -14.64
C PRO A 315 -1.83 8.92 -14.70
N ASP A 316 -2.58 9.62 -15.56
CA ASP A 316 -2.46 11.07 -15.61
C ASP A 316 -2.96 11.77 -14.35
N LYS A 317 -3.60 11.04 -13.43
CA LYS A 317 -4.00 11.62 -12.16
C LYS A 317 -2.90 11.56 -11.11
N ILE A 318 -1.79 10.90 -11.40
CA ILE A 318 -0.74 10.71 -10.42
C ILE A 318 0.25 11.87 -10.49
N SER A 319 0.61 12.41 -9.34
CA SER A 319 1.65 13.44 -9.25
C SER A 319 2.97 12.78 -8.83
N GLY A 320 4.00 12.91 -9.67
CA GLY A 320 5.30 12.39 -9.28
C GLY A 320 5.86 13.07 -8.04
N LYS A 321 5.63 14.38 -7.89
CA LYS A 321 6.09 15.08 -6.71
C LYS A 321 5.40 14.53 -5.46
N GLN A 322 4.11 14.25 -5.55
CA GLN A 322 3.41 13.66 -4.41
C GLN A 322 3.97 12.29 -4.07
N MET A 323 4.28 11.48 -5.10
CA MET A 323 4.89 10.18 -4.84
C MET A 323 6.23 10.33 -4.13
N VAL A 324 7.06 11.27 -4.59
CA VAL A 324 8.38 11.48 -3.98
C VAL A 324 8.24 11.94 -2.53
N ASP A 325 7.30 12.85 -2.27
CA ASP A 325 7.09 13.31 -0.90
C ASP A 325 6.74 12.14 0.01
N VAL A 326 5.78 11.31 -0.40
CA VAL A 326 5.41 10.17 0.43
C VAL A 326 6.57 9.20 0.58
N GLY A 327 7.33 8.96 -0.50
CA GLY A 327 8.49 8.11 -0.39
C GLY A 327 9.52 8.61 0.60
N ASN A 328 9.77 9.92 0.59
CA ASN A 328 10.73 10.48 1.53
C ASN A 328 10.22 10.40 2.95
N VAL A 329 8.92 10.55 3.17
CA VAL A 329 8.39 10.37 4.52
C VAL A 329 8.60 8.94 5.00
N LEU A 330 8.31 7.96 4.13
CA LEU A 330 8.54 6.56 4.51
C LEU A 330 10.00 6.30 4.81
N LEU A 331 10.91 6.82 3.97
CA LEU A 331 12.33 6.58 4.23
C LEU A 331 12.79 7.28 5.50
N GLY A 332 12.24 8.46 5.81
CA GLY A 332 12.61 9.12 7.06
C GLY A 332 12.13 8.34 8.26
N TRP A 333 10.89 7.87 8.20
CA TRP A 333 10.34 7.01 9.25
C TRP A 333 11.23 5.79 9.50
N ILE A 334 11.67 5.15 8.42
CA ILE A 334 12.57 4.00 8.55
C ILE A 334 13.87 4.40 9.25
N GLN A 335 14.48 5.50 8.81
CA GLN A 335 15.80 5.87 9.31
C GLN A 335 15.78 6.31 10.76
N ILE A 336 14.67 6.89 11.25
CA ILE A 336 14.66 7.40 12.62
C ILE A 336 14.45 6.30 13.66
N GLN A 337 14.10 5.08 13.26
CA GLN A 337 13.93 4.01 14.24
C GLN A 337 15.24 3.72 14.95
N LYS A 338 15.16 3.54 16.26
CA LYS A 338 16.32 3.19 17.07
C LYS A 338 16.60 1.69 16.90
#